data_2O4R
#
_entry.id   2O4R
#
_cell.length_a   154.000
_cell.length_b   43.000
_cell.length_c   42.000
_cell.angle_alpha   90.000
_cell.angle_beta   96.000
_cell.angle_gamma   90.000
#
_symmetry.space_group_name_H-M   'C 1 2 1'
#
loop_
_entity.id
_entity.type
_entity.pdbx_description
1 polymer 'Vitamin D3 receptor'
2 polymer 'Peroxisome proliferator-activated receptor-binding protein'
3 non-polymer (1R,3R,7E,17E)-17-(5-hydroxy-1,5-dimethylhexylidene)-2-methylene-9,10-secoestra-5,7-diene-1,3-diol
4 water water
#
loop_
_entity_poly.entity_id
_entity_poly.type
_entity_poly.pdbx_seq_one_letter_code
_entity_poly.pdbx_strand_id
1 'polypeptide(L)'
;LKDSLRPKLSEEQQHIIAILLDAHHKTYDPTYADFRDFRPPVRMDGSTGSVTLDLSPLSMLPHLADLVSYSIQKVIGFAK
MIPGFRDLTSDDQIVLLKSSAIEVIMLRSNQSFTMDDMSWDCGSQDYKYDVTDVSKAGHTLELIEPLIKFQVGLKKLNLH
EEEHVLLMAICIVSPDRPGVQDAKLVEAIQDRLSNTLQTYIRCRHPPPGSHQLYAKMIQKLADLRSLNEEHSKQYRSLSF
QPENSMKLTPLVLEVFGNEISLVPRGSMAISDPNSSSVDKLAAALEHHHHHH
;
A
2 'polypeptide(L)' KNHPMLMNLLKDN C
#
loop_
_chem_comp.id
_chem_comp.type
_chem_comp.name
_chem_comp.formula
VD5 non-polymer (1R,3R,7E,17E)-17-(5-hydroxy-1,5-dimethylhexylidene)-2-methylene-9,10-secoestra-5,7-diene-1,3-diol 'C27 H42 O3'
#
# COMPACT_ATOMS: atom_id res chain seq x y z
N LYS A 8 -7.56 -25.85 12.73
CA LYS A 8 -7.12 -24.62 13.46
C LYS A 8 -5.90 -24.00 12.79
N LEU A 9 -5.50 -22.83 13.29
CA LEU A 9 -4.27 -22.18 12.88
C LEU A 9 -3.11 -22.91 13.52
N SER A 10 -2.16 -23.37 12.71
CA SER A 10 -0.93 -23.96 13.21
C SER A 10 -0.13 -22.95 14.04
N GLU A 11 0.88 -23.42 14.78
CA GLU A 11 1.70 -22.49 15.53
C GLU A 11 2.50 -21.56 14.62
N GLU A 12 2.94 -22.08 13.48
CA GLU A 12 3.60 -21.28 12.46
C GLU A 12 2.64 -20.22 11.90
N GLN A 13 1.38 -20.59 11.67
CA GLN A 13 0.42 -19.62 11.16
C GLN A 13 0.12 -18.54 12.19
N GLN A 14 0.04 -18.93 13.47
CA GLN A 14 -0.18 -17.96 14.55
C GLN A 14 1.01 -17.03 14.70
N HIS A 15 2.20 -17.60 14.61
CA HIS A 15 3.47 -16.86 14.59
C HIS A 15 3.46 -15.79 13.49
N ILE A 16 3.19 -16.21 12.26
CA ILE A 16 3.11 -15.33 11.07
C ILE A 16 2.17 -14.15 11.31
N ILE A 17 0.98 -14.43 11.83
CA ILE A 17 0.00 -13.37 12.13
C ILE A 17 0.52 -12.40 13.19
N ALA A 18 1.07 -12.94 14.28
CA ALA A 18 1.62 -12.10 15.36
C ALA A 18 2.73 -11.17 14.84
N ILE A 19 3.60 -11.70 14.01
CA ILE A 19 4.70 -10.92 13.46
C ILE A 19 4.19 -9.77 12.57
N LEU A 20 3.18 -10.07 11.77
CA LEU A 20 2.65 -9.11 10.79
C LEU A 20 1.80 -8.05 11.49
N LEU A 21 1.08 -8.44 12.54
CA LEU A 21 0.39 -7.46 13.38
C LEU A 21 1.37 -6.49 14.02
N ASP A 22 2.42 -7.04 14.61
CA ASP A 22 3.45 -6.21 15.27
C ASP A 22 4.15 -5.35 14.23
N ALA A 23 4.49 -5.93 13.09
CA ALA A 23 5.11 -5.14 12.02
C ALA A 23 4.23 -3.94 11.62
N HIS A 24 2.95 -4.19 11.43
CA HIS A 24 2.01 -3.12 11.09
C HIS A 24 1.95 -2.10 12.23
N HIS A 25 1.89 -2.57 13.47
CA HIS A 25 1.83 -1.61 14.58
C HIS A 25 3.07 -0.73 14.65
N LYS A 26 4.22 -1.28 14.28
CA LYS A 26 5.48 -0.54 14.37
C LYS A 26 5.67 0.43 13.19
N THR A 27 4.83 0.31 12.14
CA THR A 27 4.97 1.12 10.90
C THR A 27 3.71 1.91 10.51
N TYR A 28 2.65 1.83 11.30
CA TYR A 28 1.42 2.60 11.02
C TYR A 28 0.96 3.28 12.31
N ASP A 29 1.14 4.60 12.38
CA ASP A 29 0.79 5.39 13.57
C ASP A 29 -0.59 5.94 13.39
N PRO A 30 -1.57 5.36 14.12
CA PRO A 30 -2.98 5.70 13.95
C PRO A 30 -3.29 7.09 14.45
N THR A 31 -2.32 7.74 15.07
CA THR A 31 -2.47 9.15 15.47
C THR A 31 -1.93 10.11 14.39
N TYR A 32 -1.17 9.57 13.42
CA TYR A 32 -0.71 10.39 12.29
C TYR A 32 0.14 11.59 12.77
N ALA A 33 0.90 11.38 13.87
CA ALA A 33 1.71 12.45 14.49
C ALA A 33 2.78 13.01 13.56
N ASP A 34 3.36 12.15 12.73
CA ASP A 34 4.45 12.54 11.85
C ASP A 34 3.99 13.46 10.71
N PHE A 35 2.68 13.58 10.49
CA PHE A 35 2.15 14.43 9.41
C PHE A 35 2.55 15.88 9.56
N ARG A 36 2.81 16.32 10.78
CA ARG A 36 3.26 17.69 11.03
C ARG A 36 4.60 17.99 10.38
N ASP A 37 5.39 16.95 10.10
CA ASP A 37 6.70 17.14 9.47
C ASP A 37 6.62 17.31 7.94
N PHE A 38 5.45 17.09 7.36
CA PHE A 38 5.31 17.23 5.91
C PHE A 38 5.20 18.70 5.51
N ARG A 39 5.55 19.00 4.25
CA ARG A 39 5.13 20.26 3.66
C ARG A 39 3.63 20.40 3.84
N PRO A 40 3.17 21.59 4.25
CA PRO A 40 1.77 21.79 4.59
C PRO A 40 0.80 21.62 3.41
N PRO A 41 -0.44 21.15 3.71
CA PRO A 41 -1.47 21.08 2.68
C PRO A 41 -1.90 22.50 2.30
N VAL A 42 -2.18 22.71 1.02
CA VAL A 42 -2.73 23.98 0.53
C VAL A 42 -3.92 23.67 -0.37
N ARG A 43 -5.05 24.26 -0.02
CA ARG A 43 -6.29 24.06 -0.73
C ARG A 43 -6.77 25.47 -1.10
N MET A 44 -6.57 25.84 -2.36
CA MET A 44 -6.82 27.22 -2.79
C MET A 44 -8.25 27.40 -3.34
N PRO A 57 -2.14 24.51 -11.28
CA PRO A 57 -1.58 24.80 -9.95
C PRO A 57 -0.98 23.57 -9.25
N LEU A 58 -1.85 22.68 -8.77
CA LEU A 58 -1.44 21.43 -8.07
C LEU A 58 -1.02 21.69 -6.64
N SER A 59 -1.89 22.39 -5.92
CA SER A 59 -1.55 22.92 -4.62
C SER A 59 -1.30 21.86 -3.56
N MET A 60 -1.93 20.70 -3.73
CA MET A 60 -1.82 19.62 -2.72
C MET A 60 -0.67 18.66 -3.04
N LEU A 61 0.02 18.87 -4.16
CA LEU A 61 1.14 17.98 -4.52
C LEU A 61 2.33 17.91 -3.52
N PRO A 62 2.85 19.05 -2.99
CA PRO A 62 3.93 18.94 -1.97
C PRO A 62 3.53 18.12 -0.73
N HIS A 63 2.36 18.40 -0.17
CA HIS A 63 1.90 17.70 1.00
C HIS A 63 1.66 16.23 0.69
N LEU A 64 0.99 15.95 -0.41
CA LEU A 64 0.64 14.56 -0.73
C LEU A 64 1.81 13.75 -1.24
N ALA A 65 2.78 14.41 -1.90
CA ALA A 65 4.04 13.73 -2.27
C ALA A 65 4.85 13.32 -1.02
N ASP A 66 4.87 14.19 0.00
CA ASP A 66 5.54 13.89 1.26
C ASP A 66 4.83 12.77 1.99
N LEU A 67 3.50 12.78 1.95
CA LEU A 67 2.76 11.70 2.55
C LEU A 67 3.01 10.38 1.84
N VAL A 68 3.01 10.39 0.52
CA VAL A 68 3.36 9.19 -0.23
C VAL A 68 4.81 8.73 0.08
N SER A 69 5.75 9.68 0.10
CA SER A 69 7.17 9.34 0.39
C SER A 69 7.32 8.66 1.74
N TYR A 70 6.73 9.28 2.75
CA TYR A 70 6.68 8.76 4.13
C TYR A 70 6.08 7.36 4.14
N SER A 71 5.01 7.19 3.38
CA SER A 71 4.29 5.93 3.33
C SER A 71 5.13 4.82 2.69
N ILE A 72 5.90 5.17 1.67
CA ILE A 72 6.81 4.19 1.05
C ILE A 72 7.81 3.70 2.10
N GLN A 73 8.34 4.60 2.91
CA GLN A 73 9.32 4.19 3.93
C GLN A 73 8.70 3.20 4.90
N LYS A 74 7.45 3.46 5.29
CA LYS A 74 6.72 2.59 6.21
C LYS A 74 6.38 1.25 5.59
N VAL A 75 5.95 1.27 4.34
CA VAL A 75 5.67 0.04 3.60
C VAL A 75 6.93 -0.83 3.55
N ILE A 76 8.09 -0.20 3.32
CA ILE A 76 9.40 -0.93 3.34
C ILE A 76 9.68 -1.56 4.71
N GLY A 77 9.45 -0.81 5.79
CA GLY A 77 9.71 -1.30 7.15
C GLY A 77 8.79 -2.47 7.44
N PHE A 78 7.59 -2.44 6.87
CA PHE A 78 6.61 -3.53 7.04
C PHE A 78 7.05 -4.73 6.24
N ALA A 79 7.43 -4.52 4.98
CA ALA A 79 7.87 -5.60 4.10
C ALA A 79 9.04 -6.40 4.66
N LYS A 80 10.02 -5.71 5.28
CA LYS A 80 11.24 -6.36 5.79
C LYS A 80 10.95 -7.38 6.88
N MET A 81 9.83 -7.16 7.58
CA MET A 81 9.33 -8.04 8.62
C MET A 81 8.43 -9.22 8.16
N ILE A 82 8.06 -9.28 6.88
CA ILE A 82 7.20 -10.36 6.36
C ILE A 82 8.02 -11.67 6.44
N PRO A 83 7.52 -12.70 7.16
CA PRO A 83 8.28 -13.95 7.23
C PRO A 83 8.63 -14.48 5.84
N GLY A 84 9.93 -14.72 5.62
CA GLY A 84 10.41 -15.19 4.32
C GLY A 84 10.98 -14.11 3.42
N PHE A 85 10.54 -12.87 3.59
CA PHE A 85 10.95 -11.77 2.68
C PHE A 85 12.49 -11.61 2.71
N ARG A 86 13.08 -11.83 3.90
CA ARG A 86 14.54 -11.77 4.16
C ARG A 86 15.36 -12.84 3.41
N ASP A 87 14.71 -13.91 2.98
CA ASP A 87 15.36 -14.99 2.25
C ASP A 87 15.46 -14.70 0.74
N LEU A 88 14.79 -13.63 0.30
CA LEU A 88 14.86 -13.22 -1.08
C LEU A 88 16.14 -12.43 -1.30
N THR A 89 16.58 -12.30 -2.54
CA THR A 89 17.76 -11.49 -2.83
C THR A 89 17.34 -10.03 -2.79
N SER A 90 18.30 -9.16 -2.57
CA SER A 90 17.99 -7.74 -2.59
C SER A 90 17.40 -7.29 -3.94
N ASP A 91 17.87 -7.87 -5.05
CA ASP A 91 17.28 -7.63 -6.39
C ASP A 91 15.76 -7.85 -6.41
N ASP A 92 15.32 -9.01 -5.91
CA ASP A 92 13.91 -9.32 -5.89
C ASP A 92 13.14 -8.51 -4.87
N GLN A 93 13.76 -8.20 -3.74
CA GLN A 93 13.15 -7.34 -2.73
C GLN A 93 12.82 -6.01 -3.37
N ILE A 94 13.78 -5.48 -4.13
CA ILE A 94 13.62 -4.21 -4.83
C ILE A 94 12.46 -4.27 -5.85
N VAL A 95 12.47 -5.29 -6.70
CA VAL A 95 11.42 -5.44 -7.71
C VAL A 95 10.02 -5.48 -7.06
N LEU A 96 9.90 -6.19 -5.94
CA LEU A 96 8.59 -6.38 -5.29
C LEU A 96 8.08 -5.10 -4.65
N LEU A 97 8.98 -4.37 -4.02
CA LEU A 97 8.64 -3.14 -3.35
C LEU A 97 8.29 -2.04 -4.34
N LYS A 98 9.10 -1.97 -5.39
CA LYS A 98 8.88 -0.97 -6.43
C LYS A 98 7.52 -1.18 -7.13
N SER A 99 7.18 -2.43 -7.47
CA SER A 99 5.90 -2.70 -8.13
C SER A 99 4.69 -2.60 -7.20
N SER A 100 4.87 -2.90 -5.92
CA SER A 100 3.70 -2.94 -5.04
C SER A 100 3.50 -1.67 -4.22
N ALA A 101 4.48 -0.77 -4.16
CA ALA A 101 4.42 0.36 -3.20
C ALA A 101 3.08 1.10 -3.27
N ILE A 102 2.67 1.54 -4.48
CA ILE A 102 1.43 2.32 -4.58
C ILE A 102 0.16 1.54 -4.14
N GLU A 103 0.16 0.25 -4.46
CA GLU A 103 -0.92 -0.67 -4.07
C GLU A 103 -0.99 -0.81 -2.58
N VAL A 104 0.13 -1.10 -1.91
CA VAL A 104 0.11 -1.15 -0.43
C VAL A 104 -0.26 0.20 0.21
N ILE A 105 0.16 1.32 -0.36
CA ILE A 105 -0.26 2.61 0.17
C ILE A 105 -1.78 2.73 0.04
N MET A 106 -2.32 2.34 -1.12
CA MET A 106 -3.80 2.44 -1.29
C MET A 106 -4.48 1.50 -0.29
N LEU A 107 -3.92 0.29 -0.11
CA LEU A 107 -4.46 -0.66 0.90
C LEU A 107 -4.39 -0.10 2.31
N ARG A 108 -3.19 0.33 2.72
CA ARG A 108 -3.02 0.75 4.12
C ARG A 108 -3.84 2.00 4.41
N SER A 109 -4.12 2.77 3.36
CA SER A 109 -4.90 4.00 3.52
C SER A 109 -6.36 3.71 3.85
N ASN A 110 -6.81 2.47 3.65
CA ASN A 110 -8.17 2.10 4.03
C ASN A 110 -8.46 2.35 5.52
N GLN A 111 -7.43 2.22 6.37
CA GLN A 111 -7.54 2.46 7.79
C GLN A 111 -7.98 3.88 8.15
N SER A 112 -7.59 4.87 7.36
CA SER A 112 -8.03 6.24 7.62
C SER A 112 -9.26 6.61 6.78
N PHE A 113 -9.56 5.81 5.76
CA PHE A 113 -10.66 6.14 4.86
C PHE A 113 -11.99 6.04 5.61
N THR A 114 -12.92 6.93 5.32
CA THR A 114 -14.24 6.86 5.98
C THR A 114 -15.37 7.06 4.98
N MET A 115 -16.36 6.20 5.05
CA MET A 115 -17.52 6.27 4.16
C MET A 115 -18.55 7.34 4.56
N ASP A 116 -18.40 7.86 5.78
CA ASP A 116 -19.26 8.96 6.25
C ASP A 116 -19.30 10.09 5.21
N ASP A 117 -18.13 10.48 4.69
CA ASP A 117 -18.07 11.48 3.61
C ASP A 117 -17.06 11.16 2.49
N MET A 118 -16.67 9.89 2.38
CA MET A 118 -15.80 9.45 1.27
C MET A 118 -14.43 10.10 1.29
N SER A 119 -13.80 10.16 2.45
CA SER A 119 -12.52 10.87 2.56
C SER A 119 -11.56 10.08 3.41
N TRP A 120 -10.29 10.48 3.38
CA TRP A 120 -9.28 9.90 4.25
C TRP A 120 -9.09 10.90 5.40
N ASP A 121 -9.43 10.48 6.60
CA ASP A 121 -9.47 11.36 7.76
C ASP A 121 -8.31 11.00 8.65
N CYS A 122 -7.23 11.77 8.57
CA CYS A 122 -6.04 11.51 9.37
C CYS A 122 -5.90 12.43 10.58
N GLY A 123 -7.02 12.71 11.24
CA GLY A 123 -6.98 13.21 12.63
C GLY A 123 -7.46 14.63 12.78
N SER A 124 -7.26 15.43 11.75
CA SER A 124 -7.61 16.83 11.79
C SER A 124 -8.07 17.27 10.43
N GLN A 125 -8.75 18.41 10.39
CA GLN A 125 -9.29 18.94 9.15
C GLN A 125 -8.20 19.25 8.14
N ASP A 126 -7.03 19.64 8.62
CA ASP A 126 -5.84 19.83 7.76
C ASP A 126 -5.48 18.53 7.01
N TYR A 127 -5.57 17.42 7.74
CA TYR A 127 -5.16 16.11 7.22
C TYR A 127 -6.37 15.24 6.93
N LYS A 128 -7.39 15.85 6.31
CA LYS A 128 -8.55 15.14 5.83
C LYS A 128 -8.61 15.34 4.32
N TYR A 129 -8.45 14.25 3.57
CA TYR A 129 -8.29 14.37 2.12
C TYR A 129 -9.50 13.84 1.38
N ASP A 130 -10.09 14.71 0.55
CA ASP A 130 -11.25 14.31 -0.24
C ASP A 130 -10.88 14.19 -1.70
N VAL A 131 -11.85 13.88 -2.54
CA VAL A 131 -11.56 13.71 -3.96
C VAL A 131 -10.88 14.94 -4.60
N THR A 132 -11.31 16.12 -4.18
CA THR A 132 -10.77 17.38 -4.70
C THR A 132 -9.29 17.57 -4.31
N ASP A 133 -8.92 17.26 -3.07
CA ASP A 133 -7.51 17.21 -2.66
C ASP A 133 -6.64 16.31 -3.55
N VAL A 134 -7.13 15.12 -3.86
CA VAL A 134 -6.38 14.22 -4.72
C VAL A 134 -6.23 14.82 -6.12
N SER A 135 -7.27 15.48 -6.63
CA SER A 135 -7.19 16.08 -7.96
C SER A 135 -6.22 17.25 -7.96
N LYS A 136 -6.09 17.90 -6.79
CA LYS A 136 -5.09 18.95 -6.58
C LYS A 136 -3.65 18.42 -6.36
N ALA A 137 -3.46 17.11 -6.52
CA ALA A 137 -2.11 16.50 -6.59
C ALA A 137 -1.74 16.10 -8.00
N GLY A 138 -2.59 16.41 -8.98
CA GLY A 138 -2.26 16.12 -10.39
C GLY A 138 -2.88 14.88 -11.01
N HIS A 139 -3.87 14.31 -10.33
CA HIS A 139 -4.55 13.10 -10.80
C HIS A 139 -5.99 13.38 -11.20
N THR A 140 -6.53 12.54 -12.09
CA THR A 140 -7.86 12.77 -12.65
C THR A 140 -8.84 11.74 -12.08
N LEU A 141 -10.15 11.92 -12.37
CA LEU A 141 -11.16 10.91 -12.01
C LEU A 141 -10.95 9.54 -12.64
N GLU A 142 -10.20 9.47 -13.73
CA GLU A 142 -9.86 8.15 -14.30
C GLU A 142 -9.20 7.25 -13.23
N LEU A 143 -8.47 7.89 -12.32
CA LEU A 143 -7.87 7.18 -11.17
C LEU A 143 -8.72 7.31 -9.94
N ILE A 144 -9.17 8.53 -9.65
CA ILE A 144 -9.84 8.80 -8.36
C ILE A 144 -11.18 8.07 -8.17
N GLU A 145 -12.00 8.00 -9.23
CA GLU A 145 -13.30 7.33 -9.13
C GLU A 145 -13.13 5.83 -8.80
N PRO A 146 -12.29 5.12 -9.57
CA PRO A 146 -12.04 3.73 -9.16
C PRO A 146 -11.32 3.59 -7.79
N LEU A 147 -10.49 4.57 -7.44
CA LEU A 147 -9.81 4.52 -6.14
C LEU A 147 -10.82 4.60 -5.00
N ILE A 148 -11.76 5.54 -5.11
CA ILE A 148 -12.83 5.69 -4.12
C ILE A 148 -13.73 4.45 -4.08
N LYS A 149 -14.08 3.94 -5.25
CA LYS A 149 -14.85 2.69 -5.30
C LYS A 149 -14.10 1.52 -4.69
N PHE A 150 -12.80 1.41 -4.97
CA PHE A 150 -11.92 0.44 -4.27
C PHE A 150 -12.07 0.57 -2.77
N GLN A 151 -11.89 1.81 -2.28
CA GLN A 151 -11.88 2.07 -0.83
C GLN A 151 -13.22 1.70 -0.17
N VAL A 152 -14.33 2.01 -0.83
CA VAL A 152 -15.67 1.64 -0.30
C VAL A 152 -15.85 0.12 -0.26
N GLY A 153 -15.49 -0.58 -1.33
CA GLY A 153 -15.69 -2.03 -1.36
C GLY A 153 -14.77 -2.72 -0.38
N LEU A 154 -13.56 -2.14 -0.19
CA LEU A 154 -12.64 -2.68 0.82
C LEU A 154 -13.17 -2.46 2.24
N LYS A 155 -13.61 -1.23 2.53
CA LYS A 155 -14.27 -0.90 3.80
C LYS A 155 -15.37 -1.87 4.11
N LYS A 156 -16.26 -2.06 3.13
CA LYS A 156 -17.45 -2.89 3.25
C LYS A 156 -17.12 -4.33 3.63
N LEU A 157 -15.88 -4.77 3.39
CA LEU A 157 -15.49 -6.11 3.80
C LEU A 157 -15.29 -6.25 5.30
N ASN A 158 -15.15 -5.12 5.99
CA ASN A 158 -14.97 -5.06 7.43
C ASN A 158 -13.91 -6.05 7.86
N LEU A 159 -12.69 -5.88 7.35
CA LEU A 159 -11.64 -6.87 7.60
C LEU A 159 -11.16 -6.83 9.03
N HIS A 160 -10.82 -7.99 9.58
CA HIS A 160 -10.07 -8.01 10.81
C HIS A 160 -8.68 -7.44 10.54
N GLU A 161 -8.06 -6.80 11.53
CA GLU A 161 -6.68 -6.32 11.36
C GLU A 161 -5.78 -7.44 10.87
N GLU A 162 -5.98 -8.66 11.39
CA GLU A 162 -5.22 -9.83 10.94
C GLU A 162 -5.31 -10.05 9.42
N GLU A 163 -6.52 -9.90 8.86
CA GLU A 163 -6.76 -10.10 7.44
C GLU A 163 -6.15 -8.95 6.63
N HIS A 164 -6.31 -7.75 7.13
CA HIS A 164 -5.72 -6.55 6.52
C HIS A 164 -4.18 -6.67 6.37
N VAL A 165 -3.49 -7.08 7.45
CA VAL A 165 -2.02 -7.20 7.38
C VAL A 165 -1.57 -8.37 6.53
N LEU A 166 -2.33 -9.47 6.57
CA LEU A 166 -2.03 -10.56 5.62
C LEU A 166 -2.22 -10.10 4.19
N LEU A 167 -3.30 -9.38 3.92
CA LEU A 167 -3.54 -8.88 2.54
C LEU A 167 -2.42 -7.98 2.03
N MET A 168 -1.95 -7.04 2.84
CA MET A 168 -0.77 -6.23 2.46
C MET A 168 0.47 -7.08 2.15
N ALA A 169 0.71 -8.08 2.99
CA ALA A 169 1.89 -8.93 2.83
C ALA A 169 1.78 -9.75 1.54
N ILE A 170 0.58 -10.28 1.25
CA ILE A 170 0.36 -11.08 0.06
C ILE A 170 0.51 -10.17 -1.15
N CYS A 171 0.00 -8.94 -1.04
CA CYS A 171 0.17 -7.96 -2.13
C CYS A 171 1.64 -7.71 -2.49
N ILE A 172 2.48 -7.59 -1.49
CA ILE A 172 3.90 -7.33 -1.70
C ILE A 172 4.59 -8.57 -2.36
N VAL A 173 4.39 -9.76 -1.80
CA VAL A 173 5.10 -10.97 -2.27
C VAL A 173 4.34 -11.64 -3.40
N SER A 174 4.19 -10.94 -4.52
CA SER A 174 3.47 -11.45 -5.69
C SER A 174 4.47 -11.91 -6.74
N PRO A 175 4.44 -13.20 -7.13
CA PRO A 175 5.45 -13.76 -8.05
C PRO A 175 5.33 -13.25 -9.48
N ASP A 176 4.20 -12.64 -9.82
CA ASP A 176 3.98 -12.26 -11.21
C ASP A 176 4.42 -10.83 -11.55
N ARG A 177 5.00 -10.14 -10.57
CA ARG A 177 5.50 -8.79 -10.79
C ARG A 177 6.62 -8.84 -11.85
N PRO A 178 6.59 -7.92 -12.82
CA PRO A 178 7.64 -7.93 -13.85
C PRO A 178 9.05 -7.76 -13.24
N GLY A 179 10.01 -8.54 -13.74
CA GLY A 179 11.41 -8.42 -13.29
C GLY A 179 11.78 -9.36 -12.16
N VAL A 180 10.79 -10.06 -11.60
CA VAL A 180 11.04 -11.04 -10.56
C VAL A 180 11.92 -12.14 -11.14
N GLN A 181 13.02 -12.45 -10.44
CA GLN A 181 13.94 -13.53 -10.85
C GLN A 181 13.58 -14.88 -10.25
N ASP A 182 13.57 -14.98 -8.91
CA ASP A 182 13.16 -16.23 -8.26
C ASP A 182 11.64 -16.30 -7.98
N ALA A 183 10.85 -16.44 -9.05
CA ALA A 183 9.40 -16.50 -8.92
C ALA A 183 8.94 -17.70 -8.11
N LYS A 184 9.68 -18.81 -8.18
CA LYS A 184 9.32 -19.99 -7.39
C LYS A 184 9.40 -19.71 -5.91
N LEU A 185 10.44 -19.00 -5.49
CA LEU A 185 10.60 -18.67 -4.08
C LEU A 185 9.58 -17.62 -3.63
N VAL A 186 9.34 -16.61 -4.46
CA VAL A 186 8.32 -15.59 -4.15
C VAL A 186 6.95 -16.26 -4.01
N GLU A 187 6.60 -17.13 -4.96
CA GLU A 187 5.30 -17.86 -4.93
C GLU A 187 5.20 -18.71 -3.65
N ALA A 188 6.31 -19.35 -3.27
CA ALA A 188 6.35 -20.15 -2.04
C ALA A 188 6.07 -19.32 -0.78
N ILE A 189 6.71 -18.16 -0.68
CA ILE A 189 6.49 -17.27 0.47
C ILE A 189 5.02 -16.81 0.42
N GLN A 190 4.54 -16.39 -0.74
CA GLN A 190 3.14 -15.95 -0.87
C GLN A 190 2.14 -17.05 -0.51
N ASP A 191 2.41 -18.28 -0.94
CA ASP A 191 1.52 -19.41 -0.62
C ASP A 191 1.40 -19.64 0.89
N ARG A 192 2.50 -19.52 1.61
CA ARG A 192 2.48 -19.59 3.06
C ARG A 192 1.55 -18.52 3.69
N LEU A 193 1.58 -17.33 3.12
CA LEU A 193 0.72 -16.23 3.61
C LEU A 193 -0.73 -16.45 3.21
N SER A 194 -0.96 -16.88 1.98
CA SER A 194 -2.34 -17.09 1.45
C SER A 194 -3.04 -18.19 2.22
N ASN A 195 -2.31 -19.28 2.48
CA ASN A 195 -2.82 -20.39 3.27
C ASN A 195 -3.13 -19.97 4.71
N THR A 196 -2.29 -19.11 5.26
CA THR A 196 -2.53 -18.54 6.59
C THR A 196 -3.84 -17.71 6.59
N LEU A 197 -4.04 -16.91 5.54
CA LEU A 197 -5.23 -16.08 5.48
C LEU A 197 -6.48 -16.93 5.31
N GLN A 198 -6.42 -17.93 4.45
CA GLN A 198 -7.58 -18.78 4.19
C GLN A 198 -7.97 -19.54 5.45
N THR A 199 -6.96 -20.03 6.16
CA THR A 199 -7.19 -20.73 7.42
C THR A 199 -7.74 -19.79 8.49
N TYR A 200 -7.18 -18.58 8.56
CA TYR A 200 -7.65 -17.57 9.51
C TYR A 200 -9.13 -17.26 9.30
N ILE A 201 -9.52 -16.99 8.05
CA ILE A 201 -10.93 -16.74 7.72
C ILE A 201 -11.83 -17.93 8.18
N ARG A 202 -11.39 -19.17 7.93
CA ARG A 202 -12.15 -20.37 8.32
C ARG A 202 -12.32 -20.49 9.84
N CYS A 203 -11.24 -20.29 10.57
CA CYS A 203 -11.21 -20.50 12.03
C CYS A 203 -11.67 -19.34 12.86
N ARG A 204 -11.49 -18.11 12.37
CA ARG A 204 -11.63 -16.93 13.24
C ARG A 204 -12.59 -15.88 12.73
N HIS A 205 -13.03 -16.00 11.48
CA HIS A 205 -13.97 -15.02 10.94
C HIS A 205 -15.37 -15.64 10.88
N PRO A 206 -16.27 -15.18 11.74
CA PRO A 206 -17.58 -15.86 11.74
C PRO A 206 -18.45 -15.57 10.50
N PRO A 207 -19.23 -16.57 10.04
CA PRO A 207 -20.34 -16.23 9.15
C PRO A 207 -21.32 -15.33 9.88
N PRO A 208 -22.05 -14.44 9.17
CA PRO A 208 -22.13 -14.27 7.72
C PRO A 208 -20.95 -13.50 7.10
N GLY A 209 -20.17 -12.77 7.91
CA GLY A 209 -19.12 -11.90 7.36
C GLY A 209 -18.12 -12.61 6.47
N SER A 210 -17.92 -13.89 6.71
CA SER A 210 -16.88 -14.64 6.04
C SER A 210 -17.28 -15.12 4.67
N HIS A 211 -18.51 -14.78 4.22
CA HIS A 211 -19.01 -15.34 2.95
C HIS A 211 -18.12 -14.94 1.78
N GLN A 212 -17.54 -15.92 1.11
CA GLN A 212 -16.63 -15.70 -0.01
C GLN A 212 -15.58 -14.62 0.30
N LEU A 213 -15.19 -14.50 1.57
CA LEU A 213 -14.29 -13.41 1.95
C LEU A 213 -12.92 -13.47 1.26
N TYR A 214 -12.31 -14.65 1.22
CA TYR A 214 -11.00 -14.77 0.56
C TYR A 214 -11.08 -14.40 -0.93
N ALA A 215 -12.13 -14.86 -1.63
CA ALA A 215 -12.28 -14.58 -3.06
C ALA A 215 -12.41 -13.07 -3.30
N LYS A 216 -13.16 -12.40 -2.40
CA LYS A 216 -13.33 -10.93 -2.44
C LYS A 216 -12.03 -10.18 -2.12
N MET A 217 -11.24 -10.69 -1.17
CA MET A 217 -9.91 -10.12 -0.92
C MET A 217 -8.99 -10.23 -2.14
N ILE A 218 -8.99 -11.38 -2.80
CA ILE A 218 -8.15 -11.55 -3.97
C ILE A 218 -8.68 -10.68 -5.10
N GLN A 219 -10.00 -10.50 -5.20
CA GLN A 219 -10.51 -9.54 -6.19
C GLN A 219 -9.97 -8.11 -5.95
N LYS A 220 -9.82 -7.73 -4.67
CA LYS A 220 -9.21 -6.42 -4.36
C LYS A 220 -7.78 -6.28 -4.89
N LEU A 221 -7.01 -7.38 -4.84
CA LEU A 221 -5.65 -7.42 -5.40
C LEU A 221 -5.67 -7.24 -6.91
N ALA A 222 -6.67 -7.81 -7.57
CA ALA A 222 -6.92 -7.50 -8.99
C ALA A 222 -7.29 -6.04 -9.24
N ASP A 223 -8.17 -5.47 -8.41
CA ASP A 223 -8.55 -4.07 -8.57
C ASP A 223 -7.30 -3.20 -8.40
N LEU A 224 -6.46 -3.54 -7.41
CA LEU A 224 -5.17 -2.83 -7.16
C LEU A 224 -4.24 -2.83 -8.37
N ARG A 225 -4.18 -3.92 -9.12
CA ARG A 225 -3.39 -3.92 -10.36
C ARG A 225 -3.88 -2.86 -11.33
N SER A 226 -5.19 -2.72 -11.52
CA SER A 226 -5.74 -1.70 -12.47
C SER A 226 -5.46 -0.30 -11.97
N LEU A 227 -5.64 -0.09 -10.68
CA LEU A 227 -5.26 1.15 -10.02
C LEU A 227 -3.76 1.46 -10.19
N ASN A 228 -2.92 0.46 -10.04
CA ASN A 228 -1.47 0.62 -10.27
C ASN A 228 -1.16 1.07 -11.71
N GLU A 229 -1.76 0.41 -12.69
CA GLU A 229 -1.57 0.78 -14.11
C GLU A 229 -1.99 2.18 -14.39
N GLU A 230 -3.18 2.55 -13.95
CA GLU A 230 -3.66 3.91 -14.13
C GLU A 230 -2.82 4.95 -13.34
N HIS A 231 -2.41 4.59 -12.13
CA HIS A 231 -1.56 5.49 -11.38
C HIS A 231 -0.26 5.72 -12.13
N SER A 232 0.31 4.61 -12.60
CA SER A 232 1.54 4.62 -13.40
C SER A 232 1.43 5.59 -14.60
N LYS A 233 0.32 5.48 -15.34
CA LYS A 233 0.07 6.33 -16.51
C LYS A 233 0.01 7.80 -16.12
N GLN A 234 -0.77 8.12 -15.10
CA GLN A 234 -0.92 9.52 -14.66
C GLN A 234 0.38 10.09 -14.05
N TYR A 235 1.10 9.26 -13.30
CA TYR A 235 2.38 9.66 -12.69
C TYR A 235 3.42 9.95 -13.78
N ARG A 236 3.51 9.08 -14.79
CA ARG A 236 4.41 9.28 -15.94
C ARG A 236 4.17 10.67 -16.55
N SER A 237 2.89 11.00 -16.73
CA SER A 237 2.47 12.28 -17.32
C SER A 237 2.74 13.50 -16.40
N LEU A 238 2.40 13.35 -15.12
CA LEU A 238 2.68 14.33 -14.08
C LEU A 238 4.19 14.62 -13.98
N SER A 239 4.99 13.57 -13.81
CA SER A 239 6.44 13.72 -13.54
C SER A 239 7.22 14.15 -14.77
N PHE A 240 6.63 14.01 -15.94
CA PHE A 240 7.29 14.41 -17.17
C PHE A 240 7.49 15.93 -17.23
N GLN A 241 6.60 16.66 -16.59
CA GLN A 241 6.76 18.10 -16.42
C GLN A 241 7.78 18.40 -15.30
N PRO A 242 8.95 18.96 -15.65
CA PRO A 242 9.96 19.13 -14.61
C PRO A 242 9.52 20.04 -13.47
N GLU A 243 8.58 20.95 -13.68
CA GLU A 243 8.06 21.74 -12.58
C GLU A 243 7.27 20.94 -11.51
N ASN A 244 6.63 19.84 -11.93
CA ASN A 244 5.92 18.96 -11.00
C ASN A 244 6.89 18.00 -10.34
N SER A 245 7.84 17.46 -11.11
CA SER A 245 8.81 16.55 -10.53
C SER A 245 9.69 17.22 -9.45
N MET A 246 9.86 18.55 -9.57
CA MET A 246 10.54 19.32 -8.52
C MET A 246 9.80 19.26 -7.22
N LYS A 247 8.48 19.03 -7.29
CA LYS A 247 7.63 19.03 -6.10
C LYS A 247 7.64 17.69 -5.35
N LEU A 248 8.25 16.69 -5.95
CA LEU A 248 8.28 15.34 -5.44
C LEU A 248 9.44 15.17 -4.47
N THR A 249 9.72 13.93 -4.07
CA THR A 249 10.81 13.68 -3.15
C THR A 249 11.77 12.77 -3.84
N PRO A 250 13.02 12.73 -3.37
CA PRO A 250 13.98 11.81 -3.96
C PRO A 250 13.51 10.33 -3.92
N LEU A 251 12.90 9.91 -2.81
CA LEU A 251 12.42 8.50 -2.71
C LEU A 251 11.30 8.19 -3.73
N VAL A 252 10.33 9.10 -3.84
CA VAL A 252 9.20 8.93 -4.80
C VAL A 252 9.73 8.82 -6.21
N LEU A 253 10.68 9.69 -6.55
CA LEU A 253 11.30 9.65 -7.89
C LEU A 253 12.00 8.31 -8.15
N GLU A 254 12.74 7.84 -7.16
CA GLU A 254 13.45 6.58 -7.30
C GLU A 254 12.45 5.42 -7.44
N VAL A 255 11.42 5.39 -6.60
CA VAL A 255 10.45 4.29 -6.63
C VAL A 255 9.46 4.30 -7.82
N PHE A 256 8.93 5.48 -8.16
CA PHE A 256 7.93 5.58 -9.22
C PHE A 256 8.51 5.96 -10.58
N GLY A 257 9.70 6.55 -10.59
CA GLY A 257 10.35 6.91 -11.86
C GLY A 257 10.81 8.36 -11.93
N ASN A 258 11.89 8.57 -12.67
CA ASN A 258 12.50 9.88 -12.86
C ASN A 258 12.59 10.12 -14.38
N GLU A 259 11.42 10.44 -14.97
CA GLU A 259 11.19 10.61 -16.41
C GLU A 259 11.99 9.73 -17.35
N LYS B 1 19.21 -0.76 -12.45
CA LYS B 1 18.50 0.56 -12.47
C LYS B 1 19.03 1.55 -11.45
N ASN B 2 19.64 1.02 -10.39
CA ASN B 2 20.18 1.79 -9.25
C ASN B 2 19.09 2.36 -8.36
N HIS B 3 18.96 1.76 -7.16
CA HIS B 3 17.98 2.17 -6.15
C HIS B 3 18.62 2.27 -4.78
N PRO B 4 19.59 3.19 -4.62
CA PRO B 4 20.33 3.32 -3.37
C PRO B 4 19.47 3.61 -2.16
N MET B 5 18.42 4.41 -2.35
CA MET B 5 17.56 4.76 -1.21
C MET B 5 16.73 3.56 -0.77
N LEU B 6 16.09 2.92 -1.74
CA LEU B 6 15.32 1.70 -1.52
C LEU B 6 16.25 0.61 -0.94
N MET B 7 17.41 0.45 -1.57
CA MET B 7 18.42 -0.52 -1.10
C MET B 7 18.85 -0.24 0.33
N ASN B 8 19.15 1.02 0.63
CA ASN B 8 19.48 1.42 2.00
C ASN B 8 18.40 1.07 3.00
N LEU B 9 17.13 1.38 2.67
CA LEU B 9 16.01 1.13 3.58
C LEU B 9 15.73 -0.36 3.78
N LEU B 10 16.05 -1.14 2.76
CA LEU B 10 15.89 -2.58 2.82
C LEU B 10 17.01 -3.25 3.62
N LYS B 11 18.06 -2.48 3.89
CA LYS B 11 19.23 -2.87 4.70
C LYS B 11 20.22 -3.66 3.85
O2 VD5 C . -3.83 6.12 5.94
C3 VD5 C . -2.91 7.22 5.96
C2 VD5 C . -1.55 6.64 5.64
C28 VD5 C . -0.55 6.64 6.52
C1 VD5 C . -1.38 6.00 4.32
O1 VD5 C . -0.04 5.48 4.27
C10 VD5 C . -1.66 7.06 3.24
C4 VD5 C . -3.36 8.22 4.89
C5 VD5 C . -2.98 7.81 3.48
C6 VD5 C . -3.81 8.17 2.46
C7 VD5 C . -3.50 7.86 1.03
C8 VD5 C . -4.10 8.55 0.00
C9 VD5 C . -5.13 9.65 0.25
C11 VD5 C . -4.74 10.93 -0.51
C12 VD5 C . -4.18 10.72 -1.94
C14 VD5 C . -3.75 8.36 -1.48
C13 VD5 C . -3.08 9.64 -2.00
C18 VD5 C . -1.81 10.05 -1.20
C15 VD5 C . -2.90 7.21 -1.99
C16 VD5 C . -2.39 7.71 -3.39
C17 VD5 C . -2.55 9.21 -3.36
C20 VD5 C . -2.27 10.04 -4.41
C21 VD5 C . -2.44 11.55 -4.37
C22 VD5 C . -1.76 9.52 -5.74
C23 VD5 C . -0.25 9.41 -5.71
C24 VD5 C . 0.39 10.78 -5.94
C25 VD5 C . 1.72 10.69 -6.69
C27 VD5 C . 2.76 9.80 -6.00
C26 VD5 C . 2.28 12.09 -6.76
O3 VD5 C . 1.47 10.16 -7.99
#